data_6WW9
#
_entry.id   6WW9
#
_cell.length_a   75.723
_cell.length_b   75.723
_cell.length_c   220.087
_cell.angle_alpha   90.000
_cell.angle_beta   90.000
_cell.angle_gamma   90.000
#
_symmetry.space_group_name_H-M   'P 43 21 2'
#
loop_
_entity.id
_entity.type
_entity.pdbx_description
1 polymer 'Mitotic spindle assembly checkpoint protein MAD2B'
2 polymer 'Shieldin complex subunit 3'
#
loop_
_entity_poly.entity_id
_entity_poly.type
_entity_poly.pdbx_seq_one_letter_code
_entity_poly.pdbx_strand_id
1 'polypeptide(L)'
;STTLTRQDLNFGQVVADVLCEFLEVAVHLILYVREVYPVGIFQKRKKYNVPVQMSCHPELNQYIQDTLHCVKPLLEKNDV
EKVVVVILDKEHRPVEKFVFEITQPPLLSISSDSLLSHVEQLLAAFILKISVCDAVLDHNPPGCTFTVLVHTREAATRNM
EKIQVIKDFPWILADEQDVHMHDPRLIPLKTMTSDILKMQLYVEERAHKGS
;
A,B
2 'polypeptide(L)' MLSRFIPWFPYDGSKLPLRPKRSPPASREEIMATL X,Y
#
# COMPACT_ATOMS: atom_id res chain seq x y z
N GLY A 12 34.70 -3.56 4.04
CA GLY A 12 34.18 -2.55 4.96
C GLY A 12 32.81 -2.91 5.51
N GLN A 13 31.95 -1.92 5.72
CA GLN A 13 30.59 -2.15 6.18
C GLN A 13 29.60 -1.91 5.04
N VAL A 14 28.46 -2.60 5.11
CA VAL A 14 27.69 -2.94 3.91
C VAL A 14 26.32 -2.30 3.88
N VAL A 15 25.84 -1.70 4.98
CA VAL A 15 24.52 -1.11 4.97
C VAL A 15 24.40 -0.03 3.91
N ALA A 16 25.53 0.53 3.45
CA ALA A 16 25.49 1.43 2.31
C ALA A 16 25.19 0.69 1.01
N ASP A 17 25.60 -0.58 0.93
CA ASP A 17 25.32 -1.36 -0.27
C ASP A 17 23.84 -1.70 -0.38
N VAL A 18 23.21 -2.06 0.74
CA VAL A 18 21.79 -2.42 0.71
C VAL A 18 20.90 -1.20 0.62
N LEU A 19 21.42 -0.01 0.97
CA LEU A 19 20.59 1.19 0.87
C LEU A 19 20.42 1.62 -0.58
N CYS A 20 21.46 1.47 -1.39
CA CYS A 20 21.38 1.88 -2.79
C CYS A 20 20.43 0.98 -3.56
N GLU A 21 20.53 -0.34 -3.38
CA GLU A 21 19.60 -1.23 -4.04
C GLU A 21 18.17 -0.97 -3.56
N PHE A 22 18.01 -0.64 -2.28
CA PHE A 22 16.69 -0.26 -1.78
C PHE A 22 16.21 1.01 -2.45
N LEU A 23 17.08 2.02 -2.55
CA LEU A 23 16.69 3.28 -3.18
C LEU A 23 16.35 3.09 -4.65
N GLU A 24 17.06 2.17 -5.33
CA GLU A 24 16.70 1.86 -6.71
C GLU A 24 15.31 1.26 -6.79
N VAL A 25 15.01 0.30 -5.93
CA VAL A 25 13.68 -0.29 -5.89
C VAL A 25 12.64 0.76 -5.53
N ALA A 26 12.97 1.64 -4.58
CA ALA A 26 12.02 2.65 -4.16
C ALA A 26 11.76 3.66 -5.27
N VAL A 27 12.78 4.03 -6.03
CA VAL A 27 12.59 4.99 -7.12
C VAL A 27 11.76 4.35 -8.24
N HIS A 28 12.08 3.11 -8.60
CA HIS A 28 11.29 2.40 -9.60
C HIS A 28 9.83 2.33 -9.19
N LEU A 29 9.57 2.08 -7.91
CA LEU A 29 8.19 1.95 -7.44
C LEU A 29 7.47 3.29 -7.41
N ILE A 30 8.18 4.37 -7.06
CA ILE A 30 7.58 5.69 -7.03
C ILE A 30 7.16 6.11 -8.43
N LEU A 31 8.02 5.87 -9.43
CA LEU A 31 7.66 6.19 -10.81
C LEU A 31 6.43 5.42 -11.27
N TYR A 32 6.22 4.22 -10.74
CA TYR A 32 5.04 3.45 -11.08
C TYR A 32 3.80 3.96 -10.34
N VAL A 33 3.92 4.18 -9.02
CA VAL A 33 2.75 4.55 -8.23
C VAL A 33 2.28 5.95 -8.59
N ARG A 34 3.21 6.87 -8.80
CA ARG A 34 2.87 8.23 -9.19
C ARG A 34 2.71 8.37 -10.70
N GLU A 35 2.86 7.28 -11.45
CA GLU A 35 2.53 7.23 -12.87
C GLU A 35 3.39 8.19 -13.69
N VAL A 36 4.67 8.28 -13.35
CA VAL A 36 5.57 9.11 -14.13
C VAL A 36 5.87 8.49 -15.48
N TYR A 37 5.69 7.18 -15.61
CA TYR A 37 5.94 6.46 -16.85
C TYR A 37 4.82 5.46 -17.10
N PRO A 38 4.57 5.13 -18.37
CA PRO A 38 3.47 4.21 -18.68
C PRO A 38 3.71 2.81 -18.12
N VAL A 39 2.61 2.09 -17.90
CA VAL A 39 2.67 0.76 -17.32
C VAL A 39 3.43 -0.20 -18.22
N GLY A 40 3.50 0.08 -19.52
CA GLY A 40 4.11 -0.84 -20.46
C GLY A 40 5.58 -1.08 -20.24
N ILE A 41 6.27 -0.14 -19.57
CA ILE A 41 7.71 -0.29 -19.33
C ILE A 41 8.01 -0.92 -17.98
N PHE A 42 6.99 -1.24 -17.19
CA PHE A 42 7.16 -1.83 -15.88
C PHE A 42 6.82 -3.32 -15.91
N GLN A 43 7.54 -4.09 -15.09
CA GLN A 43 7.29 -5.50 -14.91
C GLN A 43 7.32 -5.83 -13.42
N LYS A 44 6.57 -6.85 -13.05
CA LYS A 44 6.49 -7.27 -11.66
C LYS A 44 7.70 -8.12 -11.30
N ARG A 45 8.44 -7.70 -10.27
CA ARG A 45 9.57 -8.44 -9.74
C ARG A 45 9.38 -8.61 -8.23
N LYS A 46 10.27 -9.36 -7.61
CA LYS A 46 10.27 -9.57 -6.18
C LYS A 46 11.58 -9.05 -5.59
N LYS A 47 11.47 -8.13 -4.62
CA LYS A 47 12.61 -7.62 -3.91
C LYS A 47 12.24 -7.50 -2.44
N TYR A 48 13.11 -8.02 -1.55
CA TYR A 48 12.81 -8.14 -0.12
C TYR A 48 11.54 -8.94 0.11
N ASN A 49 11.30 -9.94 -0.73
CA ASN A 49 10.16 -10.85 -0.63
C ASN A 49 8.83 -10.12 -0.71
N VAL A 50 8.80 -8.96 -1.37
CA VAL A 50 7.54 -8.28 -1.65
C VAL A 50 7.45 -8.01 -3.15
N PRO A 51 6.26 -8.07 -3.76
CA PRO A 51 6.14 -7.75 -5.19
C PRO A 51 6.34 -6.26 -5.43
N VAL A 52 7.20 -5.94 -6.39
CA VAL A 52 7.44 -4.57 -6.80
C VAL A 52 7.30 -4.46 -8.31
N GLN A 53 7.16 -3.23 -8.78
CA GLN A 53 7.09 -2.94 -10.21
C GLN A 53 8.40 -2.29 -10.62
N MET A 54 9.21 -3.03 -11.36
CA MET A 54 10.53 -2.56 -11.80
C MET A 54 10.46 -2.09 -13.24
N SER A 55 11.19 -1.02 -13.54
CA SER A 55 11.26 -0.53 -14.90
C SER A 55 12.15 -1.42 -15.76
N CYS A 56 11.68 -1.71 -16.97
CA CYS A 56 12.48 -2.43 -17.96
C CYS A 56 12.96 -1.51 -19.07
N HIS A 57 12.84 -0.20 -18.89
CA HIS A 57 13.37 0.76 -19.85
C HIS A 57 14.88 0.89 -19.66
N PRO A 58 15.69 0.57 -20.67
CA PRO A 58 17.14 0.58 -20.45
C PRO A 58 17.71 1.95 -20.13
N GLU A 59 17.33 2.98 -20.90
CA GLU A 59 17.86 4.31 -20.64
C GLU A 59 17.40 4.85 -19.29
N LEU A 60 16.15 4.54 -18.91
CA LEU A 60 15.68 4.96 -17.59
C LEU A 60 16.43 4.22 -16.48
N ASN A 61 16.66 2.92 -16.65
CA ASN A 61 17.40 2.15 -15.66
C ASN A 61 18.82 2.66 -15.53
N GLN A 62 19.47 2.97 -16.66
CA GLN A 62 20.84 3.46 -16.60
C GLN A 62 20.92 4.81 -15.90
N TYR A 63 19.89 5.63 -16.03
CA TYR A 63 19.86 6.91 -15.30
C TYR A 63 19.74 6.68 -13.80
N ILE A 64 18.86 5.77 -13.39
CA ILE A 64 18.67 5.51 -11.96
C ILE A 64 19.92 4.86 -11.38
N GLN A 65 20.54 3.94 -12.12
CA GLN A 65 21.74 3.28 -11.61
C GLN A 65 22.92 4.23 -11.56
N ASP A 66 23.12 5.04 -12.60
CA ASP A 66 24.18 6.04 -12.58
C ASP A 66 23.99 7.04 -11.45
N THR A 67 22.74 7.36 -11.12
CA THR A 67 22.49 8.28 -10.01
C THR A 67 22.93 7.65 -8.69
N LEU A 68 22.51 6.41 -8.44
CA LEU A 68 22.81 5.77 -7.17
C LEU A 68 24.23 5.24 -7.08
N HIS A 69 24.89 5.01 -8.23
N HIS A 69 24.89 5.00 -8.22
CA HIS A 69 26.30 4.61 -8.20
CA HIS A 69 26.30 4.61 -8.17
C HIS A 69 27.16 5.74 -7.65
C HIS A 69 27.17 5.75 -7.65
N CYS A 70 26.71 6.99 -7.78
CA CYS A 70 27.42 8.13 -7.21
C CYS A 70 27.02 8.39 -5.76
N VAL A 71 25.80 8.01 -5.39
CA VAL A 71 25.34 8.17 -4.01
C VAL A 71 26.01 7.15 -3.09
N LYS A 72 26.38 5.99 -3.64
CA LYS A 72 26.93 4.92 -2.80
C LYS A 72 28.20 5.32 -2.06
N PRO A 73 29.24 5.89 -2.70
CA PRO A 73 30.43 6.26 -1.93
C PRO A 73 30.14 7.30 -0.86
N LEU A 74 29.13 8.14 -1.04
CA LEU A 74 28.78 9.12 -0.01
C LEU A 74 28.11 8.44 1.18
N LEU A 75 27.41 7.33 0.95
CA LEU A 75 26.79 6.60 2.06
C LEU A 75 27.84 5.86 2.88
N GLU A 76 28.86 5.32 2.22
CA GLU A 76 29.93 4.65 2.94
C GLU A 76 30.72 5.61 3.82
N LYS A 77 30.79 6.88 3.41
CA LYS A 77 31.48 7.90 4.18
C LYS A 77 30.59 8.58 5.22
N ASN A 78 29.33 8.15 5.35
CA ASN A 78 28.35 8.79 6.23
C ASN A 78 28.21 10.28 5.91
N ASP A 79 27.84 10.55 4.65
CA ASP A 79 27.73 11.91 4.14
C ASP A 79 26.41 12.11 3.40
N VAL A 80 25.31 11.61 3.97
CA VAL A 80 23.99 11.73 3.36
C VAL A 80 22.97 11.99 4.46
N GLU A 81 22.30 13.15 4.40
CA GLU A 81 21.15 13.40 5.26
C GLU A 81 19.86 12.91 4.60
N LYS A 82 19.67 13.30 3.34
CA LYS A 82 18.41 13.04 2.63
C LYS A 82 18.70 12.68 1.19
N VAL A 83 17.95 11.71 0.68
CA VAL A 83 17.85 11.43 -0.75
C VAL A 83 16.40 11.66 -1.14
N VAL A 84 16.17 12.59 -2.06
CA VAL A 84 14.82 13.07 -2.39
C VAL A 84 14.53 12.77 -3.85
N VAL A 85 13.40 12.11 -4.10
CA VAL A 85 12.85 11.98 -5.44
C VAL A 85 11.84 13.11 -5.65
N VAL A 86 12.05 13.90 -6.69
CA VAL A 86 11.26 15.10 -6.93
C VAL A 86 10.45 14.92 -8.22
N ILE A 87 9.15 15.09 -8.13
CA ILE A 87 8.26 15.07 -9.30
C ILE A 87 8.02 16.50 -9.75
N LEU A 88 8.33 16.79 -11.00
CA LEU A 88 8.22 18.13 -11.56
C LEU A 88 7.16 18.14 -12.65
N ASP A 89 6.34 19.20 -12.66
CA ASP A 89 5.33 19.32 -13.70
C ASP A 89 5.99 19.72 -15.03
N LYS A 90 5.16 19.89 -16.06
CA LYS A 90 5.67 20.23 -17.38
C LYS A 90 6.33 21.61 -17.42
N GLU A 91 6.17 22.42 -16.38
CA GLU A 91 6.84 23.70 -16.25
C GLU A 91 8.02 23.63 -15.29
N HIS A 92 8.54 22.42 -15.04
CA HIS A 92 9.73 22.19 -14.20
C HIS A 92 9.53 22.75 -12.79
N ARG A 93 8.33 22.59 -12.24
CA ARG A 93 8.05 22.98 -10.87
C ARG A 93 7.75 21.77 -10.01
N PRO A 94 8.35 21.67 -8.82
CA PRO A 94 8.12 20.48 -7.97
C PRO A 94 6.67 20.38 -7.54
N VAL A 95 6.05 19.23 -7.86
CA VAL A 95 4.67 18.98 -7.48
C VAL A 95 4.64 18.03 -6.30
N GLU A 96 5.68 17.20 -6.18
CA GLU A 96 5.78 16.21 -5.11
C GLU A 96 7.25 15.96 -4.82
N LYS A 97 7.54 15.64 -3.57
CA LYS A 97 8.90 15.29 -3.13
C LYS A 97 8.82 14.13 -2.17
N PHE A 98 9.49 13.03 -2.49
CA PHE A 98 9.57 11.86 -1.63
C PHE A 98 10.91 11.90 -0.92
N VAL A 99 10.89 12.27 0.36
CA VAL A 99 12.09 12.57 1.12
C VAL A 99 12.46 11.34 1.94
N PHE A 100 13.68 10.84 1.73
CA PHE A 100 14.24 9.74 2.51
C PHE A 100 15.31 10.33 3.43
N GLU A 101 14.92 10.62 4.66
CA GLU A 101 15.87 11.09 5.65
C GLU A 101 16.63 9.89 6.21
N ILE A 102 17.95 9.98 6.21
CA ILE A 102 18.82 8.84 6.48
C ILE A 102 19.80 9.20 7.60
N THR A 103 19.90 8.32 8.59
CA THR A 103 20.86 8.45 9.69
C THR A 103 21.53 7.11 9.92
N GLN A 104 22.85 7.12 10.03
CA GLN A 104 23.62 5.90 10.25
C GLN A 104 24.23 5.91 11.65
N PRO A 105 23.74 5.09 12.58
CA PRO A 105 24.34 5.05 13.92
C PRO A 105 25.50 4.07 13.97
N PRO A 106 26.46 4.27 14.90
CA PRO A 106 27.63 3.40 15.04
C PRO A 106 27.28 1.94 15.32
N SER A 114 27.91 -11.71 8.57
CA SER A 114 26.75 -10.85 8.40
C SER A 114 25.46 -11.67 8.28
N LEU A 115 24.61 -11.60 9.32
CA LEU A 115 23.32 -12.28 9.33
C LEU A 115 22.23 -11.25 9.58
N LEU A 116 22.00 -10.37 8.60
CA LEU A 116 21.14 -9.21 8.79
C LEU A 116 20.11 -9.13 7.66
N SER A 117 19.18 -10.07 7.66
CA SER A 117 17.93 -9.89 6.94
C SER A 117 16.95 -9.02 7.73
N HIS A 118 17.29 -8.67 8.98
CA HIS A 118 16.51 -7.70 9.72
C HIS A 118 16.50 -6.35 9.01
N VAL A 119 17.62 -5.98 8.40
CA VAL A 119 17.66 -4.76 7.60
C VAL A 119 16.68 -4.86 6.44
N GLU A 120 16.64 -6.03 5.78
CA GLU A 120 15.75 -6.20 4.63
C GLU A 120 14.29 -6.21 5.04
N GLN A 121 13.96 -6.90 6.14
CA GLN A 121 12.58 -6.89 6.62
C GLN A 121 12.17 -5.51 7.08
N LEU A 122 13.14 -4.68 7.48
CA LEU A 122 12.86 -3.29 7.82
C LEU A 122 12.78 -2.42 6.57
N LEU A 123 13.65 -2.67 5.59
CA LEU A 123 13.55 -1.97 4.31
C LEU A 123 12.30 -2.39 3.54
N ALA A 124 11.88 -3.65 3.68
CA ALA A 124 10.70 -4.11 2.97
C ALA A 124 9.45 -3.36 3.43
N ALA A 125 9.42 -2.91 4.68
CA ALA A 125 8.27 -2.18 5.19
C ALA A 125 8.16 -0.80 4.55
N PHE A 126 9.30 -0.19 4.21
CA PHE A 126 9.26 1.07 3.49
C PHE A 126 8.71 0.89 2.08
N ILE A 127 9.05 -0.22 1.42
CA ILE A 127 8.51 -0.50 0.10
C ILE A 127 7.00 -0.72 0.16
N LEU A 128 6.54 -1.43 1.21
CA LEU A 128 5.12 -1.67 1.37
C LEU A 128 4.32 -0.39 1.59
N LYS A 129 4.94 0.61 2.23
CA LYS A 129 4.23 1.86 2.52
C LYS A 129 4.04 2.71 1.28
N ILE A 130 4.99 2.63 0.33
CA ILE A 130 4.95 3.49 -0.85
C ILE A 130 3.66 3.28 -1.65
N SER A 131 3.10 2.08 -1.59
CA SER A 131 1.89 1.78 -2.36
C SER A 131 0.72 2.65 -1.92
N VAL A 132 0.67 3.06 -0.65
CA VAL A 132 -0.46 3.83 -0.14
C VAL A 132 -0.53 5.23 -0.72
N CYS A 133 0.52 5.68 -1.43
CA CYS A 133 0.50 6.99 -2.04
C CYS A 133 -0.63 7.12 -3.06
N ASP A 134 -1.04 6.01 -3.66
CA ASP A 134 -2.15 6.04 -4.62
C ASP A 134 -3.46 6.40 -3.94
N ALA A 135 -3.59 6.14 -2.64
CA ALA A 135 -4.83 6.36 -1.92
C ALA A 135 -4.89 7.71 -1.22
N VAL A 136 -3.74 8.24 -0.78
CA VAL A 136 -3.71 9.45 0.05
C VAL A 136 -3.23 10.67 -0.71
N LEU A 137 -2.70 10.53 -1.92
CA LEU A 137 -2.21 11.65 -2.70
C LEU A 137 -3.12 11.89 -3.89
N ASP A 138 -3.31 13.17 -4.24
CA ASP A 138 -4.07 13.52 -5.42
C ASP A 138 -3.22 13.31 -6.66
N HIS A 139 -3.87 12.96 -7.77
CA HIS A 139 -3.17 12.57 -8.97
C HIS A 139 -2.34 13.73 -9.54
N ASN A 140 -1.12 13.42 -9.97
CA ASN A 140 -0.23 14.42 -10.51
C ASN A 140 -0.72 14.92 -11.87
N PRO A 141 -0.31 16.12 -12.26
CA PRO A 141 -0.64 16.60 -13.61
C PRO A 141 0.03 15.72 -14.66
N PRO A 142 -0.49 15.72 -15.88
CA PRO A 142 0.11 14.90 -16.94
C PRO A 142 1.43 15.48 -17.43
N GLY A 143 2.31 14.60 -17.89
CA GLY A 143 3.58 15.02 -18.45
C GLY A 143 4.65 15.36 -17.45
N CYS A 144 4.59 14.80 -16.24
CA CYS A 144 5.58 15.09 -15.21
C CYS A 144 6.88 14.35 -15.48
N THR A 145 7.99 14.93 -15.02
CA THR A 145 9.30 14.31 -15.04
C THR A 145 9.80 14.17 -13.61
N PHE A 146 11.04 13.70 -13.45
CA PHE A 146 11.58 13.54 -12.10
C PHE A 146 13.07 13.78 -12.10
N THR A 147 13.59 14.09 -10.92
CA THR A 147 15.02 14.19 -10.66
C THR A 147 15.27 13.75 -9.23
N VAL A 148 16.55 13.54 -8.91
CA VAL A 148 16.96 13.07 -7.59
C VAL A 148 17.80 14.16 -6.94
N LEU A 149 17.45 14.52 -5.70
CA LEU A 149 18.20 15.48 -4.91
C LEU A 149 18.94 14.72 -3.80
N VAL A 150 20.22 15.01 -3.64
CA VAL A 150 21.04 14.38 -2.62
C VAL A 150 21.51 15.46 -1.65
N HIS A 151 21.12 15.32 -0.38
CA HIS A 151 21.51 16.26 0.66
C HIS A 151 22.66 15.65 1.45
N THR A 152 23.88 16.06 1.14
CA THR A 152 25.05 15.59 1.85
C THR A 152 25.15 16.22 3.23
N ARG A 153 25.81 15.52 4.15
CA ARG A 153 26.01 16.05 5.49
C ARG A 153 26.99 17.22 5.47
N GLU A 154 28.22 16.98 5.01
CA GLU A 154 29.12 18.08 4.68
C GLU A 154 28.55 18.84 3.49
N ALA A 155 28.55 20.17 3.58
CA ALA A 155 27.97 21.00 2.52
C ALA A 155 28.58 20.67 1.17
N ALA A 156 27.72 20.53 0.16
CA ALA A 156 28.17 20.08 -1.15
C ALA A 156 29.13 21.07 -1.78
N THR A 157 28.98 22.37 -1.47
CA THR A 157 29.88 23.38 -2.00
C THR A 157 31.32 23.20 -1.52
N ARG A 158 31.51 22.55 -0.36
CA ARG A 158 32.86 22.38 0.18
C ARG A 158 33.71 21.47 -0.71
N ASN A 159 33.12 20.38 -1.20
CA ASN A 159 33.81 19.42 -2.06
C ASN A 159 32.82 18.92 -3.09
N MET A 160 32.81 19.54 -4.27
CA MET A 160 31.92 19.15 -5.34
C MET A 160 32.39 17.89 -6.07
N GLU A 161 33.66 17.52 -5.94
CA GLU A 161 34.20 16.37 -6.65
C GLU A 161 33.86 15.04 -6.01
N LYS A 162 33.36 15.02 -4.77
CA LYS A 162 33.12 13.77 -4.08
C LYS A 162 32.02 12.93 -4.71
N ILE A 163 31.13 13.55 -5.48
CA ILE A 163 30.02 12.83 -6.12
C ILE A 163 30.28 12.57 -7.59
N GLN A 164 31.33 13.15 -8.17
CA GLN A 164 31.63 13.00 -9.59
C GLN A 164 32.44 11.72 -9.83
N VAL A 165 31.83 10.58 -9.49
CA VAL A 165 32.50 9.29 -9.64
C VAL A 165 32.31 8.66 -11.02
N ILE A 166 31.25 9.03 -11.74
CA ILE A 166 31.03 8.58 -13.11
C ILE A 166 31.36 9.74 -14.04
N LYS A 167 32.15 9.46 -15.07
CA LYS A 167 32.78 10.54 -15.84
C LYS A 167 31.78 11.24 -16.76
N ASP A 168 30.87 10.50 -17.37
CA ASP A 168 29.88 11.09 -18.26
C ASP A 168 28.55 11.36 -17.58
N PHE A 169 28.51 11.31 -16.25
CA PHE A 169 27.30 11.58 -15.48
C PHE A 169 27.62 12.64 -14.44
N PRO A 170 27.73 13.90 -14.85
CA PRO A 170 28.09 14.96 -13.90
C PRO A 170 26.92 15.38 -13.03
N TRP A 171 27.26 15.85 -11.84
CA TRP A 171 26.29 16.40 -10.89
C TRP A 171 26.54 17.89 -10.74
N ILE A 172 25.45 18.64 -10.51
CA ILE A 172 25.53 20.07 -10.25
C ILE A 172 24.71 20.37 -9.02
N LEU A 173 24.92 21.57 -8.47
CA LEU A 173 24.08 22.04 -7.37
C LEU A 173 22.69 22.38 -7.90
N ALA A 174 21.67 21.88 -7.22
CA ALA A 174 20.33 22.36 -7.50
C ALA A 174 20.17 23.79 -6.98
N ASP A 175 19.20 24.50 -7.55
CA ASP A 175 18.82 25.81 -7.05
C ASP A 175 17.36 25.78 -6.66
N GLU A 176 16.88 26.93 -6.18
CA GLU A 176 15.60 26.97 -5.46
C GLU A 176 14.44 26.52 -6.33
N GLN A 177 14.51 26.74 -7.65
CA GLN A 177 13.40 26.33 -8.50
C GLN A 177 13.23 24.82 -8.53
N ASP A 178 14.33 24.07 -8.44
CA ASP A 178 14.25 22.60 -8.40
C ASP A 178 13.84 22.06 -7.04
N VAL A 179 13.89 22.87 -5.98
CA VAL A 179 13.78 22.38 -4.62
C VAL A 179 12.61 23.00 -3.86
N HIS A 180 12.33 24.27 -4.11
CA HIS A 180 11.42 25.03 -3.25
C HIS A 180 9.96 24.76 -3.57
N MET A 181 9.16 24.54 -2.53
CA MET A 181 7.71 24.44 -2.62
C MET A 181 7.10 25.31 -1.53
N HIS A 182 6.09 26.10 -1.89
CA HIS A 182 5.50 27.06 -0.98
C HIS A 182 4.45 26.38 -0.10
N ASP A 183 4.74 26.32 1.21
CA ASP A 183 3.94 25.67 2.24
C ASP A 183 3.39 24.34 1.74
N PRO A 184 4.22 23.33 1.53
CA PRO A 184 3.72 22.05 1.02
C PRO A 184 3.05 21.23 2.10
N ARG A 185 2.05 20.46 1.69
CA ARG A 185 1.43 19.51 2.59
C ARG A 185 2.39 18.37 2.88
N LEU A 186 2.48 17.98 4.16
CA LEU A 186 3.42 16.95 4.59
C LEU A 186 2.65 15.64 4.82
N ILE A 187 3.03 14.60 4.08
CA ILE A 187 2.40 13.30 4.21
C ILE A 187 3.40 12.31 4.80
N PRO A 188 3.39 12.07 6.11
CA PRO A 188 4.28 11.06 6.69
C PRO A 188 3.91 9.68 6.21
N LEU A 189 4.93 8.90 5.83
CA LEU A 189 4.73 7.52 5.40
C LEU A 189 5.23 6.52 6.43
N LYS A 190 6.52 6.59 6.80
CA LYS A 190 7.04 5.65 7.77
C LYS A 190 8.27 6.23 8.48
N THR A 191 8.39 5.92 9.77
CA THR A 191 9.55 6.28 10.57
C THR A 191 10.07 5.01 11.26
N MET A 192 11.38 4.78 11.16
CA MET A 192 12.00 3.61 11.76
C MET A 192 13.27 4.02 12.48
N THR A 193 13.43 3.53 13.71
CA THR A 193 14.63 3.76 14.50
C THR A 193 15.14 2.41 14.98
N SER A 194 16.44 2.17 14.80
CA SER A 194 17.04 0.92 15.22
C SER A 194 18.54 1.12 15.37
N ASP A 195 19.16 0.17 16.08
CA ASP A 195 20.62 0.12 16.11
C ASP A 195 21.19 -0.08 14.72
N ILE A 196 20.43 -0.73 13.85
CA ILE A 196 20.82 -0.95 12.46
C ILE A 196 20.70 0.37 11.71
N LEU A 197 19.48 0.87 11.58
CA LEU A 197 19.21 1.96 10.66
C LEU A 197 18.10 2.85 11.21
N LYS A 198 18.28 4.16 11.03
CA LYS A 198 17.26 5.15 11.32
C LYS A 198 16.90 5.85 10.01
N MET A 199 15.63 5.80 9.62
CA MET A 199 15.22 6.38 8.35
C MET A 199 13.77 6.82 8.43
N GLN A 200 13.48 7.98 7.86
CA GLN A 200 12.12 8.47 7.70
C GLN A 200 11.80 8.64 6.23
N LEU A 201 10.54 8.38 5.88
CA LEU A 201 10.04 8.59 4.53
C LEU A 201 8.74 9.37 4.63
N TYR A 202 8.70 10.53 4.00
CA TYR A 202 7.48 11.32 3.95
C TYR A 202 7.40 12.02 2.61
N VAL A 203 6.25 12.63 2.35
CA VAL A 203 5.96 13.27 1.07
C VAL A 203 5.63 14.74 1.30
N GLU A 204 6.30 15.61 0.54
CA GLU A 204 5.94 17.02 0.45
C GLU A 204 5.12 17.20 -0.82
N GLU A 205 3.83 17.48 -0.67
CA GLU A 205 2.91 17.57 -1.79
C GLU A 205 2.46 19.01 -1.99
N ARG A 206 2.39 19.42 -3.26
CA ARG A 206 1.89 20.75 -3.58
C ARG A 206 0.40 20.83 -3.29
N ALA A 207 -0.06 22.05 -2.96
CA ALA A 207 -1.48 22.25 -2.67
C ALA A 207 -2.33 21.95 -3.90
N HIS A 208 -2.13 22.71 -4.98
CA HIS A 208 -2.80 22.49 -6.25
C HIS A 208 -4.32 22.42 -6.11
N PHE B 5 5.09 12.96 14.77
CA PHE B 5 6.03 12.90 13.65
C PHE B 5 6.63 14.27 13.34
N ILE B 6 7.95 14.32 13.28
CA ILE B 6 8.66 15.55 12.92
C ILE B 6 9.81 15.18 11.99
N PRO B 7 10.03 15.93 10.91
CA PRO B 7 11.17 15.64 10.03
C PRO B 7 12.49 15.94 10.71
N TRP B 8 13.47 15.07 10.47
CA TRP B 8 14.76 15.18 11.15
C TRP B 8 15.61 16.31 10.58
N PHE B 9 15.59 16.51 9.27
CA PHE B 9 16.38 17.55 8.61
C PHE B 9 15.44 18.49 7.88
N PRO B 10 14.95 19.53 8.53
CA PRO B 10 14.06 20.50 7.86
C PRO B 10 14.77 21.19 6.70
N TYR B 11 13.96 21.72 5.79
CA TYR B 11 14.49 22.33 4.58
C TYR B 11 15.36 23.53 4.92
N ASP B 12 16.64 23.45 4.56
CA ASP B 12 17.63 24.51 4.81
C ASP B 12 17.99 25.15 3.48
N GLY B 13 17.62 26.43 3.32
CA GLY B 13 17.93 27.13 2.09
C GLY B 13 19.41 27.41 1.90
N SER B 14 20.21 27.29 2.96
CA SER B 14 21.64 27.57 2.85
C SER B 14 22.38 26.43 2.18
N LYS B 15 22.15 25.20 2.63
CA LYS B 15 22.86 24.03 2.12
C LYS B 15 22.06 23.44 0.97
N LEU B 16 22.37 23.89 -0.25
CA LEU B 16 21.67 23.39 -1.42
C LEU B 16 22.14 21.99 -1.77
N PRO B 17 21.24 21.11 -2.20
CA PRO B 17 21.60 19.73 -2.49
C PRO B 17 22.21 19.58 -3.89
N LEU B 18 22.60 18.36 -4.21
CA LEU B 18 23.17 18.00 -5.50
C LEU B 18 22.10 17.39 -6.40
N ARG B 19 22.26 17.59 -7.71
CA ARG B 19 21.31 17.17 -8.72
C ARG B 19 22.07 16.68 -9.94
N PRO B 20 21.64 15.57 -10.54
CA PRO B 20 22.30 15.11 -11.78
C PRO B 20 22.11 16.11 -12.90
N LYS B 21 23.21 16.38 -13.62
CA LYS B 21 23.13 17.31 -14.74
C LYS B 21 22.22 16.78 -15.84
N ARG B 22 22.30 15.49 -16.13
CA ARG B 22 21.44 14.89 -17.14
C ARG B 22 20.01 14.77 -16.63
N SER B 23 19.11 14.51 -17.57
CA SER B 23 17.69 14.31 -17.27
C SER B 23 17.26 12.92 -17.70
N PRO B 24 16.32 12.30 -17.00
CA PRO B 24 15.85 10.97 -17.38
C PRO B 24 15.09 11.03 -18.69
N PRO B 25 14.93 9.90 -19.38
CA PRO B 25 14.21 9.91 -20.65
C PRO B 25 12.75 10.30 -20.46
N ALA B 26 12.23 11.06 -21.41
CA ALA B 26 10.83 11.47 -21.36
C ALA B 26 9.92 10.27 -21.61
N SER B 27 8.75 10.29 -21.00
CA SER B 27 7.80 9.20 -21.13
C SER B 27 7.15 9.20 -22.51
N ASN C 10 -21.90 13.05 12.31
CA ASN C 10 -20.57 12.83 11.76
C ASN C 10 -20.60 11.72 10.71
N PHE C 11 -19.66 11.76 9.77
CA PHE C 11 -19.65 10.80 8.67
C PHE C 11 -18.94 9.50 9.03
N GLY C 12 -18.11 9.49 10.08
CA GLY C 12 -17.42 8.27 10.45
C GLY C 12 -18.36 7.14 10.82
N GLN C 13 -19.40 7.45 11.59
CA GLN C 13 -20.38 6.43 11.96
C GLN C 13 -21.28 6.08 10.79
N VAL C 14 -21.44 6.98 9.83
CA VAL C 14 -22.22 6.68 8.63
C VAL C 14 -21.49 5.64 7.78
N VAL C 15 -20.18 5.82 7.59
CA VAL C 15 -19.39 4.88 6.80
C VAL C 15 -19.37 3.51 7.45
N ALA C 16 -19.37 3.47 8.79
CA ALA C 16 -19.29 2.19 9.49
C ALA C 16 -20.56 1.36 9.28
N ASP C 17 -21.71 2.01 9.26
CA ASP C 17 -22.97 1.28 9.10
C ASP C 17 -23.26 0.95 7.63
N VAL C 18 -22.72 1.75 6.70
CA VAL C 18 -22.91 1.45 5.29
C VAL C 18 -22.01 0.29 4.86
N LEU C 19 -20.76 0.27 5.36
CA LEU C 19 -19.83 -0.79 5.00
C LEU C 19 -20.28 -2.14 5.56
N CYS C 20 -20.68 -2.16 6.84
CA CYS C 20 -21.15 -3.41 7.44
C CYS C 20 -22.38 -3.95 6.70
N GLU C 21 -23.25 -3.04 6.25
CA GLU C 21 -24.38 -3.46 5.42
C GLU C 21 -23.89 -4.01 4.08
N PHE C 22 -22.88 -3.35 3.49
CA PHE C 22 -22.35 -3.81 2.21
C PHE C 22 -21.54 -5.09 2.37
N LEU C 23 -20.77 -5.21 3.47
CA LEU C 23 -19.88 -6.34 3.63
C LEU C 23 -20.65 -7.65 3.86
N GLU C 24 -21.85 -7.57 4.45
CA GLU C 24 -22.61 -8.79 4.68
C GLU C 24 -23.11 -9.38 3.36
N VAL C 25 -23.72 -8.54 2.52
CA VAL C 25 -24.14 -9.00 1.20
C VAL C 25 -22.94 -9.47 0.39
N ALA C 26 -21.78 -8.85 0.59
CA ALA C 26 -20.57 -9.28 -0.11
C ALA C 26 -20.13 -10.66 0.35
N VAL C 27 -20.12 -10.91 1.66
CA VAL C 27 -19.69 -12.20 2.18
C VAL C 27 -20.66 -13.30 1.74
N HIS C 28 -21.97 -13.05 1.88
CA HIS C 28 -22.95 -14.03 1.44
C HIS C 28 -22.77 -14.37 -0.03
N LEU C 29 -22.59 -13.35 -0.88
CA LEU C 29 -22.45 -13.59 -2.30
C LEU C 29 -21.13 -14.27 -2.63
N ILE C 30 -20.06 -13.91 -1.93
CA ILE C 30 -18.77 -14.58 -2.13
C ILE C 30 -18.89 -16.06 -1.80
N LEU C 31 -19.56 -16.39 -0.69
CA LEU C 31 -19.72 -17.79 -0.32
C LEU C 31 -20.58 -18.54 -1.32
N TYR C 32 -21.48 -17.85 -2.03
CA TYR C 32 -22.29 -18.49 -3.05
C TYR C 32 -21.49 -18.69 -4.34
N VAL C 33 -20.89 -17.61 -4.85
CA VAL C 33 -20.19 -17.68 -6.14
C VAL C 33 -19.00 -18.63 -6.07
N ARG C 34 -18.35 -18.72 -4.91
CA ARG C 34 -17.17 -19.56 -4.76
C ARG C 34 -17.51 -20.96 -4.24
N GLU C 35 -18.81 -21.26 -4.07
CA GLU C 35 -19.28 -22.60 -3.71
C GLU C 35 -18.67 -23.09 -2.39
N VAL C 36 -18.37 -22.16 -1.49
CA VAL C 36 -17.93 -22.54 -0.15
C VAL C 36 -19.03 -23.31 0.57
N TYR C 37 -20.29 -23.01 0.26
CA TYR C 37 -21.47 -23.70 0.75
C TYR C 37 -22.35 -24.08 -0.45
N PRO C 38 -23.11 -25.17 -0.34
CA PRO C 38 -23.94 -25.58 -1.47
C PRO C 38 -25.09 -24.62 -1.71
N VAL C 39 -25.58 -24.63 -2.96
CA VAL C 39 -26.60 -23.66 -3.37
C VAL C 39 -27.92 -23.87 -2.66
N GLY C 40 -28.12 -25.04 -2.05
CA GLY C 40 -29.40 -25.35 -1.41
C GLY C 40 -29.74 -24.44 -0.25
N ILE C 41 -28.74 -23.82 0.37
CA ILE C 41 -28.97 -22.96 1.52
C ILE C 41 -29.08 -21.49 1.12
N PHE C 42 -29.07 -21.18 -0.17
CA PHE C 42 -29.13 -19.81 -0.66
C PHE C 42 -30.46 -19.54 -1.34
N GLN C 43 -30.94 -18.30 -1.19
CA GLN C 43 -32.15 -17.85 -1.87
C GLN C 43 -31.85 -16.55 -2.61
N LYS C 44 -32.59 -16.32 -3.70
CA LYS C 44 -32.39 -15.11 -4.49
C LYS C 44 -32.87 -13.89 -3.73
N ARG C 45 -32.09 -12.82 -3.79
CA ARG C 45 -32.44 -11.56 -3.15
C ARG C 45 -31.99 -10.41 -4.05
N LYS C 46 -32.24 -9.19 -3.62
CA LYS C 46 -31.85 -8.00 -4.37
C LYS C 46 -31.36 -6.94 -3.41
N LYS C 47 -30.06 -6.64 -3.46
CA LYS C 47 -29.46 -5.55 -2.72
C LYS C 47 -28.78 -4.60 -3.69
N TYR C 48 -28.94 -3.30 -3.45
CA TYR C 48 -28.39 -2.27 -4.33
C TYR C 48 -28.90 -2.43 -5.76
N ASN C 49 -30.14 -2.88 -5.90
CA ASN C 49 -30.76 -3.17 -7.21
C ASN C 49 -29.95 -4.16 -8.03
N VAL C 50 -29.32 -5.12 -7.35
CA VAL C 50 -28.54 -6.16 -8.00
C VAL C 50 -28.99 -7.51 -7.47
N PRO C 51 -29.22 -8.49 -8.35
CA PRO C 51 -29.62 -9.83 -7.88
C PRO C 51 -28.49 -10.48 -7.09
N VAL C 52 -28.77 -10.82 -5.83
CA VAL C 52 -27.76 -11.42 -4.97
C VAL C 52 -28.26 -12.77 -4.46
N GLN C 53 -27.45 -13.43 -3.64
CA GLN C 53 -27.78 -14.73 -3.06
C GLN C 53 -27.46 -14.69 -1.57
N MET C 54 -28.49 -14.67 -0.73
CA MET C 54 -28.34 -14.65 0.71
C MET C 54 -28.58 -16.04 1.27
N SER C 55 -27.68 -16.50 2.12
CA SER C 55 -27.84 -17.81 2.73
C SER C 55 -28.90 -17.75 3.83
N CYS C 56 -29.71 -18.80 3.91
CA CYS C 56 -30.72 -18.93 4.95
C CYS C 56 -30.26 -19.84 6.08
N HIS C 57 -29.02 -20.34 6.02
CA HIS C 57 -28.43 -21.12 7.09
C HIS C 57 -28.31 -20.24 8.33
N PRO C 58 -29.07 -20.51 9.38
CA PRO C 58 -29.11 -19.57 10.52
C PRO C 58 -27.79 -19.43 11.25
N GLU C 59 -27.00 -20.49 11.36
CA GLU C 59 -25.77 -20.42 12.13
C GLU C 59 -24.69 -19.67 11.36
N LEU C 60 -24.62 -19.88 10.04
CA LEU C 60 -23.70 -19.10 9.21
C LEU C 60 -24.06 -17.63 9.22
N ASN C 61 -25.36 -17.32 9.17
CA ASN C 61 -25.80 -15.92 9.17
C ASN C 61 -25.40 -15.23 10.47
N GLN C 62 -25.64 -15.88 11.60
CA GLN C 62 -25.28 -15.28 12.88
C GLN C 62 -23.78 -15.08 12.98
N TYR C 63 -22.99 -16.04 12.48
CA TYR C 63 -21.54 -15.90 12.51
C TYR C 63 -21.07 -14.71 11.69
N ILE C 64 -21.76 -14.41 10.59
CA ILE C 64 -21.35 -13.32 9.71
C ILE C 64 -21.59 -11.97 10.39
N GLN C 65 -22.82 -11.74 10.87
CA GLN C 65 -23.11 -10.44 11.46
C GLN C 65 -22.44 -10.27 12.81
N ASP C 66 -22.19 -11.36 13.52
CA ASP C 66 -21.34 -11.29 14.72
C ASP C 66 -19.97 -10.74 14.36
N THR C 67 -19.37 -11.29 13.30
CA THR C 67 -18.06 -10.81 12.86
C THR C 67 -18.13 -9.35 12.45
N LEU C 68 -19.17 -8.97 11.71
CA LEU C 68 -19.24 -7.61 11.16
C LEU C 68 -19.61 -6.57 12.22
N HIS C 69 -20.46 -6.92 13.18
CA HIS C 69 -20.82 -5.97 14.22
C HIS C 69 -19.70 -5.77 15.24
N CYS C 70 -18.70 -6.65 15.27
CA CYS C 70 -17.48 -6.37 16.01
C CYS C 70 -16.51 -5.53 15.21
N VAL C 71 -16.62 -5.56 13.88
CA VAL C 71 -15.77 -4.74 13.03
C VAL C 71 -16.24 -3.30 13.03
N LYS C 72 -17.54 -3.08 13.18
CA LYS C 72 -18.13 -1.74 13.09
C LYS C 72 -17.46 -0.70 13.98
N PRO C 73 -17.18 -0.97 15.27
CA PRO C 73 -16.50 0.06 16.07
C PRO C 73 -15.14 0.46 15.53
N LEU C 74 -14.37 -0.49 15.00
CA LEU C 74 -13.10 -0.13 14.40
C LEU C 74 -13.30 0.72 13.15
N LEU C 75 -14.34 0.43 12.37
CA LEU C 75 -14.64 1.26 11.22
C LEU C 75 -15.02 2.67 11.64
N GLU C 76 -15.75 2.81 12.74
CA GLU C 76 -16.02 4.14 13.27
C GLU C 76 -14.73 4.86 13.63
N LYS C 77 -13.79 4.15 14.26
CA LYS C 77 -12.51 4.72 14.64
C LYS C 77 -11.61 5.01 13.44
N ASN C 78 -11.94 4.49 12.25
CA ASN C 78 -11.06 4.56 11.09
C ASN C 78 -9.72 3.88 11.40
N ASP C 79 -9.82 2.63 11.85
CA ASP C 79 -8.66 1.82 12.21
C ASP C 79 -8.65 0.50 11.44
N VAL C 80 -9.18 0.50 10.22
CA VAL C 80 -9.25 -0.69 9.38
C VAL C 80 -8.56 -0.39 8.05
N GLU C 81 -7.56 -1.20 7.71
CA GLU C 81 -6.95 -1.12 6.38
C GLU C 81 -7.67 -2.03 5.39
N LYS C 82 -7.82 -3.30 5.73
CA LYS C 82 -8.37 -4.30 4.83
C LYS C 82 -9.33 -5.21 5.60
N VAL C 83 -10.41 -5.60 4.92
CA VAL C 83 -11.26 -6.69 5.37
C VAL C 83 -11.15 -7.79 4.33
N VAL C 84 -10.70 -8.97 4.76
CA VAL C 84 -10.32 -10.04 3.85
C VAL C 84 -11.20 -11.26 4.12
N VAL C 85 -11.92 -11.69 3.10
CA VAL C 85 -12.62 -12.97 3.13
C VAL C 85 -11.65 -14.02 2.59
N VAL C 86 -11.19 -14.91 3.47
CA VAL C 86 -10.19 -15.91 3.13
C VAL C 86 -10.89 -17.24 2.92
N ILE C 87 -10.63 -17.86 1.77
CA ILE C 87 -11.17 -19.19 1.47
C ILE C 87 -10.05 -20.19 1.74
N LEU C 88 -10.26 -21.05 2.72
CA LEU C 88 -9.27 -22.03 3.15
C LEU C 88 -9.68 -23.41 2.67
N ASP C 89 -8.71 -24.18 2.17
CA ASP C 89 -8.99 -25.49 1.60
C ASP C 89 -9.12 -26.54 2.71
N LYS C 90 -9.16 -27.81 2.31
CA LYS C 90 -9.36 -28.91 3.26
C LYS C 90 -8.25 -29.00 4.29
N GLU C 91 -7.09 -28.40 4.01
CA GLU C 91 -5.96 -28.41 4.93
C GLU C 91 -5.76 -27.06 5.59
N HIS C 92 -6.78 -26.21 5.56
CA HIS C 92 -6.76 -24.90 6.23
CA HIS C 92 -6.76 -24.90 6.23
C HIS C 92 -5.59 -24.04 5.74
N ARG C 93 -5.46 -23.96 4.41
CA ARG C 93 -4.46 -23.13 3.76
C ARG C 93 -5.17 -22.23 2.76
N PRO C 94 -4.81 -20.94 2.72
CA PRO C 94 -5.57 -19.99 1.88
C PRO C 94 -5.47 -20.32 0.41
N VAL C 95 -6.62 -20.51 -0.22
CA VAL C 95 -6.70 -20.72 -1.65
C VAL C 95 -7.21 -19.48 -2.40
N GLU C 96 -7.99 -18.63 -1.74
CA GLU C 96 -8.47 -17.38 -2.32
C GLU C 96 -8.63 -16.36 -1.20
N LYS C 97 -8.40 -15.09 -1.55
CA LYS C 97 -8.56 -14.00 -0.59
C LYS C 97 -9.21 -12.81 -1.30
N PHE C 98 -10.38 -12.42 -0.82
CA PHE C 98 -11.11 -11.27 -1.33
C PHE C 98 -10.77 -10.07 -0.44
N VAL C 99 -9.87 -9.23 -0.92
CA VAL C 99 -9.33 -8.13 -0.13
C VAL C 99 -10.16 -6.88 -0.38
N PHE C 100 -10.74 -6.33 0.69
CA PHE C 100 -11.47 -5.07 0.63
C PHE C 100 -10.60 -4.00 1.29
N GLU C 101 -9.81 -3.31 0.46
CA GLU C 101 -9.01 -2.20 0.96
C GLU C 101 -9.90 -0.98 1.18
N ILE C 102 -9.75 -0.33 2.32
CA ILE C 102 -10.64 0.75 2.74
C ILE C 102 -9.81 1.96 3.14
N THR C 103 -10.24 3.14 2.69
CA THR C 103 -9.64 4.41 3.08
C THR C 103 -10.74 5.43 3.32
N GLN C 104 -10.70 6.08 4.49
CA GLN C 104 -11.62 7.17 4.81
C GLN C 104 -10.86 8.48 4.74
N PRO C 105 -11.02 9.26 3.67
CA PRO C 105 -10.20 10.46 3.47
C PRO C 105 -10.57 11.54 4.46
N PRO C 106 -9.66 12.49 4.73
CA PRO C 106 -10.00 13.61 5.60
C PRO C 106 -11.15 14.44 5.01
N LEU C 107 -12.11 14.77 5.87
CA LEU C 107 -13.38 15.37 5.42
C LEU C 107 -13.20 16.88 5.24
N LEU C 108 -12.54 17.23 4.15
CA LEU C 108 -12.44 18.60 3.68
C LEU C 108 -12.89 18.66 2.23
N SER C 109 -13.56 19.75 1.86
CA SER C 109 -14.06 19.95 0.50
C SER C 109 -15.02 18.82 0.10
N ILE C 110 -16.10 18.69 0.87
CA ILE C 110 -17.11 17.65 0.65
C ILE C 110 -18.37 18.30 0.09
N SER C 111 -18.79 17.85 -1.09
CA SER C 111 -19.97 18.40 -1.76
C SER C 111 -20.55 17.37 -2.72
N SER C 112 -21.87 17.23 -2.70
CA SER C 112 -22.58 16.32 -3.60
C SER C 112 -24.07 16.67 -3.63
N LEU C 115 -24.99 12.53 -2.54
CA LEU C 115 -24.20 11.60 -1.75
C LEU C 115 -25.06 10.45 -1.24
N LEU C 116 -24.42 9.46 -0.62
CA LEU C 116 -25.08 8.28 -0.06
C LEU C 116 -25.72 7.42 -1.14
N SER C 117 -26.78 7.94 -1.78
CA SER C 117 -27.30 7.24 -2.95
C SER C 117 -26.24 7.13 -4.03
N HIS C 118 -25.32 8.10 -4.10
CA HIS C 118 -24.19 7.99 -5.01
C HIS C 118 -23.23 6.89 -4.59
N VAL C 119 -23.07 6.67 -3.28
CA VAL C 119 -22.14 5.65 -2.82
C VAL C 119 -22.81 4.28 -2.81
N GLU C 120 -24.13 4.22 -2.65
CA GLU C 120 -24.82 2.94 -2.70
C GLU C 120 -24.88 2.39 -4.12
N GLN C 121 -24.83 3.28 -5.12
CA GLN C 121 -24.70 2.81 -6.49
C GLN C 121 -23.26 2.46 -6.83
N LEU C 122 -22.29 3.12 -6.17
CA LEU C 122 -20.90 2.72 -6.33
C LEU C 122 -20.65 1.36 -5.67
N LEU C 123 -21.28 1.11 -4.51
CA LEU C 123 -21.19 -0.20 -3.89
C LEU C 123 -21.92 -1.25 -4.69
N ALA C 124 -22.92 -0.85 -5.49
CA ALA C 124 -23.63 -1.81 -6.32
C ALA C 124 -22.71 -2.43 -7.36
N ALA C 125 -21.75 -1.66 -7.86
CA ALA C 125 -20.82 -2.17 -8.86
C ALA C 125 -19.87 -3.21 -8.27
N PHE C 126 -19.56 -3.11 -6.98
CA PHE C 126 -18.78 -4.14 -6.32
C PHE C 126 -19.55 -5.46 -6.27
N ILE C 127 -20.85 -5.40 -6.00
CA ILE C 127 -21.66 -6.61 -5.96
C ILE C 127 -21.72 -7.26 -7.34
N LEU C 128 -21.85 -6.44 -8.39
CA LEU C 128 -21.93 -6.99 -9.75
C LEU C 128 -20.64 -7.71 -10.13
N LYS C 129 -19.49 -7.15 -9.74
CA LYS C 129 -18.21 -7.82 -10.02
C LYS C 129 -18.12 -9.15 -9.29
N ILE C 130 -18.56 -9.19 -8.03
CA ILE C 130 -18.52 -10.43 -7.26
C ILE C 130 -19.49 -11.45 -7.86
N SER C 131 -20.59 -11.00 -8.47
CA SER C 131 -21.59 -11.91 -9.01
C SER C 131 -21.00 -12.80 -10.11
N VAL C 132 -20.27 -12.20 -11.04
CA VAL C 132 -19.69 -12.93 -12.16
C VAL C 132 -18.19 -13.19 -11.94
N CYS C 133 -17.71 -13.09 -10.71
CA CYS C 133 -16.28 -13.21 -10.46
C CYS C 133 -15.76 -14.62 -10.69
N ASP C 134 -16.64 -15.63 -10.69
CA ASP C 134 -16.18 -16.98 -10.95
C ASP C 134 -15.79 -17.21 -12.40
N ALA C 135 -16.06 -16.24 -13.28
CA ALA C 135 -15.60 -16.30 -14.66
C ALA C 135 -14.14 -15.92 -14.82
N VAL C 136 -13.48 -15.53 -13.73
CA VAL C 136 -12.08 -15.13 -13.75
C VAL C 136 -11.22 -15.99 -12.85
N LEU C 137 -11.83 -16.91 -12.07
CA LEU C 137 -11.10 -17.71 -11.11
C LEU C 137 -11.24 -19.19 -11.45
N ASP C 138 -10.16 -19.95 -11.20
CA ASP C 138 -10.21 -21.39 -11.29
C ASP C 138 -11.10 -21.95 -10.17
N HIS C 139 -11.71 -23.10 -10.43
CA HIS C 139 -12.64 -23.68 -9.47
C HIS C 139 -11.90 -24.07 -8.20
N ASN C 140 -12.51 -23.73 -7.05
CA ASN C 140 -11.91 -24.07 -5.77
C ASN C 140 -11.87 -25.59 -5.59
N PRO C 141 -10.96 -26.09 -4.76
CA PRO C 141 -10.99 -27.51 -4.40
C PRO C 141 -12.20 -27.80 -3.53
N PRO C 142 -12.64 -29.06 -3.48
CA PRO C 142 -13.76 -29.41 -2.60
C PRO C 142 -13.38 -29.34 -1.13
N GLY C 143 -14.36 -29.05 -0.30
CA GLY C 143 -14.14 -29.02 1.14
C GLY C 143 -13.55 -27.75 1.67
N CYS C 144 -13.82 -26.61 1.03
CA CYS C 144 -13.25 -25.34 1.47
C CYS C 144 -14.10 -24.70 2.55
N THR C 145 -13.43 -24.13 3.55
CA THR C 145 -14.03 -23.31 4.58
C THR C 145 -13.53 -21.88 4.44
N PHE C 146 -13.94 -21.00 5.35
CA PHE C 146 -13.60 -19.60 5.22
C PHE C 146 -13.50 -18.94 6.59
N THR C 147 -12.99 -17.73 6.59
CA THR C 147 -12.99 -16.85 7.76
C THR C 147 -12.79 -15.42 7.26
N VAL C 148 -12.84 -14.47 8.19
CA VAL C 148 -12.70 -13.06 7.87
C VAL C 148 -11.48 -12.52 8.61
N LEU C 149 -10.65 -11.77 7.89
CA LEU C 149 -9.49 -11.11 8.47
C LEU C 149 -9.70 -9.61 8.47
N VAL C 150 -9.21 -8.96 9.53
CA VAL C 150 -9.30 -7.50 9.68
C VAL C 150 -7.89 -6.98 9.92
N HIS C 151 -7.33 -6.28 8.95
CA HIS C 151 -6.03 -5.63 9.09
C HIS C 151 -6.24 -4.21 9.59
N THR C 152 -5.63 -3.88 10.72
CA THR C 152 -5.79 -2.57 11.33
C THR C 152 -4.72 -1.61 10.85
N ARG C 153 -5.04 -0.32 10.92
CA ARG C 153 -4.06 0.72 10.62
C ARG C 153 -2.99 0.79 11.70
N GLU C 154 -3.42 0.81 12.97
CA GLU C 154 -2.47 0.77 14.09
C GLU C 154 -2.13 -0.68 14.39
N ALA C 155 -1.40 -0.91 15.48
CA ALA C 155 -1.06 -2.27 15.88
C ALA C 155 -2.33 -3.05 16.19
N ALA C 156 -2.30 -4.36 15.87
CA ALA C 156 -3.49 -5.18 16.05
C ALA C 156 -3.88 -5.29 17.52
N THR C 157 -2.89 -5.41 18.41
CA THR C 157 -3.18 -5.57 19.83
C THR C 157 -3.72 -4.30 20.46
N ARG C 158 -3.49 -3.13 19.84
CA ARG C 158 -3.88 -1.88 20.47
C ARG C 158 -5.40 -1.75 20.56
N ASN C 159 -6.08 -1.81 19.42
CA ASN C 159 -7.52 -1.64 19.37
C ASN C 159 -8.27 -2.97 19.43
N MET C 160 -7.60 -4.07 19.80
CA MET C 160 -8.28 -5.35 19.90
C MET C 160 -9.31 -5.36 21.01
N GLU C 161 -9.10 -4.57 22.06
CA GLU C 161 -10.05 -4.56 23.17
C GLU C 161 -11.36 -3.89 22.79
N LYS C 162 -11.33 -2.99 21.80
CA LYS C 162 -12.53 -2.26 21.41
C LYS C 162 -13.43 -3.03 20.45
N ILE C 163 -13.08 -4.27 20.11
CA ILE C 163 -13.87 -5.06 19.16
C ILE C 163 -14.50 -6.29 19.79
N GLN C 164 -14.13 -6.62 21.02
CA GLN C 164 -14.76 -7.73 21.75
C GLN C 164 -16.11 -7.29 22.31
N VAL C 165 -16.99 -6.84 21.41
CA VAL C 165 -18.29 -6.29 21.80
C VAL C 165 -19.36 -7.37 21.98
N ILE C 166 -19.14 -8.58 21.49
CA ILE C 166 -20.10 -9.66 21.60
C ILE C 166 -19.58 -10.70 22.59
N LYS C 167 -20.46 -11.14 23.49
CA LYS C 167 -20.07 -12.13 24.49
C LYS C 167 -19.92 -13.50 23.85
N ASP C 168 -18.88 -14.23 24.26
CA ASP C 168 -18.59 -15.56 23.72
C ASP C 168 -18.40 -15.52 22.21
N PHE C 169 -17.84 -14.44 21.70
CA PHE C 169 -17.42 -14.34 20.31
C PHE C 169 -16.08 -13.60 20.30
N PRO C 170 -15.00 -14.27 20.72
CA PRO C 170 -13.74 -13.57 20.88
C PRO C 170 -12.96 -13.43 19.58
N TRP C 171 -12.09 -12.42 19.58
CA TRP C 171 -11.18 -12.17 18.47
C TRP C 171 -9.75 -12.41 18.94
N ILE C 172 -8.91 -12.88 18.00
CA ILE C 172 -7.55 -13.27 18.29
C ILE C 172 -6.65 -12.76 17.18
N LEU C 173 -5.34 -12.78 17.44
CA LEU C 173 -4.37 -12.64 16.36
C LEU C 173 -4.41 -13.88 15.48
N ALA C 174 -4.36 -13.67 14.18
CA ALA C 174 -4.50 -14.76 13.23
C ALA C 174 -3.25 -15.63 13.17
N ASP C 175 -3.46 -16.92 12.96
CA ASP C 175 -2.35 -17.82 12.69
C ASP C 175 -1.75 -17.52 11.32
N GLU C 176 -0.45 -17.83 11.17
CA GLU C 176 0.22 -17.58 9.90
C GLU C 176 -0.41 -18.39 8.78
N GLN C 177 -0.85 -19.62 9.09
CA GLN C 177 -1.45 -20.46 8.06
C GLN C 177 -2.82 -19.96 7.62
N ASP C 178 -3.45 -19.07 8.40
CA ASP C 178 -4.69 -18.47 7.95
C ASP C 178 -4.46 -17.33 6.97
N VAL C 179 -3.24 -16.79 6.91
CA VAL C 179 -2.96 -15.57 6.18
C VAL C 179 -1.92 -15.78 5.08
N HIS C 180 -0.92 -16.62 5.32
CA HIS C 180 0.19 -16.75 4.38
C HIS C 180 -0.26 -17.36 3.06
N MET C 181 0.25 -16.81 1.97
CA MET C 181 -0.14 -17.22 0.62
C MET C 181 1.01 -16.86 -0.30
N HIS C 182 1.73 -17.86 -0.79
CA HIS C 182 2.99 -17.64 -1.48
C HIS C 182 2.74 -17.27 -2.93
N ASP C 183 3.29 -16.12 -3.34
CA ASP C 183 3.22 -15.54 -4.67
C ASP C 183 1.84 -15.75 -5.31
N PRO C 184 0.79 -15.16 -4.75
CA PRO C 184 -0.56 -15.39 -5.28
C PRO C 184 -0.80 -14.64 -6.58
N ARG C 185 -1.89 -14.99 -7.23
CA ARG C 185 -2.34 -14.34 -8.46
C ARG C 185 -3.34 -13.25 -8.09
N LEU C 186 -3.07 -12.02 -8.52
CA LEU C 186 -3.88 -10.87 -8.14
C LEU C 186 -4.82 -10.49 -9.27
N ILE C 187 -6.11 -10.49 -8.99
CA ILE C 187 -7.15 -10.17 -9.95
C ILE C 187 -7.92 -8.95 -9.44
N PRO C 188 -7.67 -7.77 -10.00
CA PRO C 188 -8.47 -6.60 -9.63
C PRO C 188 -9.92 -6.77 -10.05
N LEU C 189 -10.82 -6.12 -9.30
CA LEU C 189 -12.25 -6.20 -9.58
C LEU C 189 -12.88 -4.81 -9.68
N LYS C 190 -12.69 -3.97 -8.67
CA LYS C 190 -13.37 -2.68 -8.65
C LYS C 190 -12.66 -1.72 -7.71
N THR C 191 -12.58 -0.46 -8.12
CA THR C 191 -12.13 0.64 -7.26
C THR C 191 -13.24 1.67 -7.19
N MET C 192 -13.27 2.41 -6.09
CA MET C 192 -14.32 3.38 -5.86
C MET C 192 -13.77 4.54 -5.06
N THR C 193 -14.09 5.76 -5.48
CA THR C 193 -13.69 6.95 -4.76
C THR C 193 -14.94 7.77 -4.42
N SER C 194 -15.02 8.21 -3.17
CA SER C 194 -16.10 9.07 -2.70
C SER C 194 -15.49 10.14 -1.81
N ASP C 195 -16.34 11.07 -1.38
CA ASP C 195 -15.89 12.11 -0.46
C ASP C 195 -15.73 11.59 0.96
N ILE C 196 -16.36 10.47 1.30
CA ILE C 196 -16.26 9.90 2.63
C ILE C 196 -15.69 8.49 2.65
N LEU C 197 -15.44 7.89 1.50
CA LEU C 197 -14.97 6.50 1.47
C LEU C 197 -14.25 6.22 0.16
N LYS C 198 -13.11 5.56 0.25
CA LYS C 198 -12.39 5.04 -0.90
C LYS C 198 -12.15 3.55 -0.67
N MET C 199 -12.42 2.74 -1.70
CA MET C 199 -12.35 1.29 -1.52
C MET C 199 -11.89 0.62 -2.80
N GLN C 200 -11.05 -0.39 -2.65
CA GLN C 200 -10.61 -1.25 -3.74
C GLN C 200 -10.90 -2.70 -3.38
N LEU C 201 -11.29 -3.48 -4.40
CA LEU C 201 -11.54 -4.89 -4.22
C LEU C 201 -10.74 -5.68 -5.26
N TYR C 202 -9.91 -6.61 -4.78
CA TYR C 202 -9.19 -7.51 -5.66
C TYR C 202 -9.16 -8.88 -5.01
N VAL C 203 -8.84 -9.89 -5.82
CA VAL C 203 -8.82 -11.28 -5.39
C VAL C 203 -7.41 -11.82 -5.53
N GLU C 204 -6.85 -12.29 -4.42
CA GLU C 204 -5.57 -13.00 -4.43
C GLU C 204 -5.86 -14.49 -4.53
N GLU C 205 -5.42 -15.10 -5.63
CA GLU C 205 -5.77 -16.48 -5.98
C GLU C 205 -4.52 -17.33 -6.09
N ARG C 206 -4.60 -18.55 -5.59
CA ARG C 206 -3.50 -19.50 -5.74
C ARG C 206 -3.49 -20.05 -7.16
N ALA C 207 -2.30 -20.08 -7.77
CA ALA C 207 -2.18 -20.63 -9.12
C ALA C 207 -2.54 -22.12 -9.16
N HIS C 208 -2.42 -22.82 -8.04
CA HIS C 208 -2.82 -24.22 -7.91
C HIS C 208 -2.08 -25.12 -8.90
N ARG D 4 -4.67 3.02 -13.78
CA ARG D 4 -3.68 2.04 -13.36
C ARG D 4 -3.98 1.52 -11.97
N PHE D 5 -4.28 0.22 -11.88
CA PHE D 5 -4.67 -0.39 -10.61
C PHE D 5 -3.47 -0.55 -9.70
N ILE D 6 -3.55 -0.01 -8.49
CA ILE D 6 -2.48 -0.10 -7.50
C ILE D 6 -3.06 -0.53 -6.17
N PRO D 7 -2.75 -1.73 -5.69
CA PRO D 7 -3.18 -2.12 -4.33
C PRO D 7 -2.54 -1.22 -3.29
N TRP D 8 -3.38 -0.66 -2.42
CA TRP D 8 -2.91 0.32 -1.44
C TRP D 8 -2.13 -0.33 -0.31
N PHE D 9 -2.58 -1.50 0.15
CA PHE D 9 -2.01 -2.17 1.32
C PHE D 9 -1.52 -3.55 0.92
N PRO D 10 -0.34 -3.65 0.30
CA PRO D 10 0.25 -4.97 0.05
C PRO D 10 0.47 -5.71 1.35
N TYR D 11 0.40 -7.04 1.27
CA TYR D 11 0.48 -7.88 2.46
C TYR D 11 1.81 -7.68 3.18
N ASP D 12 1.73 -7.31 4.46
CA ASP D 12 2.91 -7.13 5.31
C ASP D 12 3.02 -8.35 6.22
N GLY D 13 4.09 -9.14 6.02
CA GLY D 13 4.27 -10.34 6.81
C GLY D 13 4.57 -10.09 8.27
N SER D 14 5.07 -8.90 8.61
CA SER D 14 5.41 -8.56 9.98
C SER D 14 4.23 -7.99 10.75
N LYS D 15 3.01 -8.14 10.25
CA LYS D 15 1.83 -7.56 10.87
C LYS D 15 0.67 -8.53 10.73
N LEU D 16 0.26 -9.11 11.85
CA LEU D 16 -0.82 -10.10 11.82
C LEU D 16 -2.17 -9.41 11.91
N PRO D 17 -3.17 -9.86 11.15
CA PRO D 17 -4.52 -9.30 11.27
C PRO D 17 -5.31 -10.01 12.37
N LEU D 18 -6.48 -9.45 12.67
CA LEU D 18 -7.38 -10.07 13.62
C LEU D 18 -8.35 -10.99 12.90
N ARG D 19 -8.88 -11.97 13.64
CA ARG D 19 -9.87 -12.89 13.11
C ARG D 19 -10.71 -13.41 14.26
N PRO D 20 -11.97 -13.79 14.02
CA PRO D 20 -12.74 -14.47 15.07
C PRO D 20 -12.17 -15.85 15.33
N LYS D 21 -11.94 -16.17 16.60
CA LYS D 21 -11.41 -17.49 16.94
C LYS D 21 -12.40 -18.58 16.56
N ARG D 22 -13.69 -18.34 16.79
CA ARG D 22 -14.71 -19.30 16.40
C ARG D 22 -14.77 -19.44 14.88
N SER D 23 -15.06 -20.63 14.43
CA SER D 23 -15.13 -20.96 13.01
C SER D 23 -16.58 -20.97 12.54
N PRO D 24 -16.81 -20.72 11.26
CA PRO D 24 -18.17 -20.80 10.71
C PRO D 24 -18.63 -22.25 10.62
N PRO D 25 -19.94 -22.49 10.47
CA PRO D 25 -20.42 -23.87 10.39
C PRO D 25 -19.91 -24.58 9.14
N ALA D 26 -19.82 -25.90 9.23
CA ALA D 26 -19.33 -26.71 8.14
C ALA D 26 -20.43 -26.98 7.12
N SER D 27 -20.07 -27.64 6.02
CA SER D 27 -21.02 -27.97 4.96
C SER D 27 -21.62 -29.35 5.17
#